data_7HJA
#
_entry.id   7HJA
#
_cell.length_a   26.230
_cell.length_b   47.164
_cell.length_c   46.441
_cell.angle_alpha   90.000
_cell.angle_beta   103.410
_cell.angle_gamma   90.000
#
_symmetry.space_group_name_H-M   'P 1 21 1'
#
loop_
_entity.id
_entity.type
_entity.pdbx_description
1 polymer 'De novo designed ABLE protein'
2 non-polymer '4-CHLORO-BENZOIC ACID'
3 water water
#
_entity_poly.entity_id   1
_entity_poly.type   'polypeptide(L)'
_entity_poly.pdbx_seq_one_letter_code
;SVKSEYAEAAAVGQEAVAVFNTMKAAFQNGDKEAVAQYLARLASLYTRHEELLNRILEKARREGNKEAVTLMNEFTATFQ
TGKSIFNAMVAAFKNGDDDSFESYLQALEKVTAKGETLADQIAKAL
;
_entity_poly.pdbx_strand_id   A
#
loop_
_chem_comp.id
_chem_comp.type
_chem_comp.name
_chem_comp.formula
174 non-polymer '4-CHLORO-BENZOIC ACID' 'C7 H5 Cl O2'
#
# COMPACT_ATOMS: atom_id res chain seq x y z
N SER A 1 18.12 11.86 -4.05
N SER A 1 17.97 11.74 -4.12
CA SER A 1 18.03 12.00 -2.58
CA SER A 1 18.13 11.67 -2.67
C SER A 1 16.97 11.05 -2.02
C SER A 1 17.02 10.84 -2.05
N VAL A 2 16.96 10.91 -0.69
N VAL A 2 16.99 10.76 -0.72
CA VAL A 2 15.94 10.07 -0.06
CA VAL A 2 15.90 10.08 -0.04
C VAL A 2 14.56 10.70 -0.21
C VAL A 2 14.58 10.67 -0.48
N LYS A 3 14.50 12.02 -0.38
N LYS A 3 14.58 11.97 -0.81
CA LYS A 3 13.21 12.68 -0.57
CA LYS A 3 13.31 12.63 -1.11
C LYS A 3 12.65 12.39 -1.96
C LYS A 3 12.81 12.29 -2.50
N SER A 4 13.52 12.42 -2.99
N SER A 4 13.71 12.15 -3.48
CA SER A 4 13.06 12.08 -4.33
CA SER A 4 13.30 11.68 -4.79
C SER A 4 12.69 10.60 -4.42
C SER A 4 12.82 10.25 -4.70
N GLU A 5 13.42 9.74 -3.71
N GLU A 5 13.51 9.44 -3.92
CA GLU A 5 13.09 8.33 -3.70
CA GLU A 5 13.05 8.07 -3.71
C GLU A 5 11.77 8.04 -2.98
C GLU A 5 11.72 8.03 -2.98
N TYR A 6 11.32 8.96 -2.11
N TYR A 6 11.39 9.05 -2.19
CA TYR A 6 10.02 8.79 -1.49
CA TYR A 6 10.07 9.07 -1.58
C TYR A 6 8.90 9.25 -2.42
C TYR A 6 9.00 9.48 -2.58
N ALA A 7 9.14 10.31 -3.20
N ALA A 7 9.29 10.41 -3.48
CA ALA A 7 8.17 10.73 -4.20
CA ALA A 7 8.28 10.76 -4.50
C ALA A 7 7.99 9.65 -5.26
C ALA A 7 8.01 9.59 -5.43
N GLU A 8 9.05 8.90 -5.58
N GLU A 8 9.03 8.78 -5.69
CA GLU A 8 8.93 7.78 -6.49
CA GLU A 8 8.80 7.58 -6.48
C GLU A 8 8.17 6.63 -5.86
C GLU A 8 7.93 6.58 -5.74
N ALA A 9 8.37 6.41 -4.55
N ALA A 9 8.16 6.43 -4.44
CA ALA A 9 7.61 5.38 -3.86
CA ALA A 9 7.30 5.56 -3.65
C ALA A 9 6.15 5.79 -3.70
C ALA A 9 5.88 6.11 -3.58
N ALA A 10 5.89 7.08 -3.50
N ALA A 10 5.71 7.42 -3.49
CA ALA A 10 4.51 7.54 -3.39
CA ALA A 10 4.37 7.96 -3.42
C ALA A 10 3.76 7.40 -4.71
C ALA A 10 3.64 7.72 -4.75
N ALA A 11 4.46 7.56 -5.84
N ALA A 11 4.39 7.73 -5.85
CA ALA A 11 3.81 7.38 -7.14
CA ALA A 11 3.71 7.51 -7.13
C ALA A 11 3.42 5.92 -7.36
C ALA A 11 3.25 6.07 -7.27
N VAL A 12 4.27 5.00 -6.90
N VAL A 12 4.06 5.12 -6.83
CA VAL A 12 3.93 3.58 -7.01
CA VAL A 12 3.63 3.72 -6.84
C VAL A 12 2.72 3.26 -6.14
C VAL A 12 2.41 3.52 -5.93
N GLY A 13 2.64 3.87 -4.96
N GLY A 13 2.39 4.17 -4.77
CA GLY A 13 1.47 3.67 -4.12
CA GLY A 13 1.17 4.13 -3.96
C GLY A 13 0.20 4.21 -4.76
C GLY A 13 -0.04 4.62 -4.73
N GLN A 14 0.30 5.37 -5.41
N GLN A 14 0.14 5.67 -5.52
CA GLN A 14 -0.87 5.95 -6.06
CA GLN A 14 -0.98 6.21 -6.29
C GLN A 14 -1.29 5.14 -7.29
C GLN A 14 -1.35 5.25 -7.40
N GLU A 15 -0.34 4.47 -7.94
N GLU A 15 -0.36 4.56 -7.97
CA GLU A 15 -0.70 3.57 -9.02
CA GLU A 15 -0.71 3.55 -8.98
C GLU A 15 -1.49 2.38 -8.49
C GLU A 15 -1.58 2.43 -8.37
N ALA A 16 -1.13 1.89 -7.30
N ALA A 16 -1.33 2.10 -7.11
CA ALA A 16 -1.90 0.82 -6.67
CA ALA A 16 -2.13 1.11 -6.41
C ALA A 16 -3.31 1.29 -6.34
C ALA A 16 -3.55 1.58 -6.23
N VAL A 17 -3.45 2.55 -5.92
N VAL A 17 -3.72 2.85 -5.84
CA VAL A 17 -4.77 3.09 -5.62
CA VAL A 17 -5.07 3.39 -5.65
C VAL A 17 -5.63 3.10 -6.87
C VAL A 17 -5.86 3.28 -6.94
N ALA A 18 -5.06 3.49 -8.01
N ALA A 18 -5.23 3.68 -8.03
CA ALA A 18 -5.82 3.53 -9.26
CA ALA A 18 -5.91 3.66 -9.32
C ALA A 18 -6.22 2.11 -9.68
C ALA A 18 -6.35 2.25 -9.69
N VAL A 19 -5.30 1.15 -9.59
N VAL A 19 -5.42 1.29 -9.59
CA VAL A 19 -5.63 -0.22 -9.96
CA VAL A 19 -5.69 -0.08 -9.99
C VAL A 19 -6.62 -0.82 -8.97
C VAL A 19 -6.70 -0.72 -9.03
N PHE A 20 -6.53 -0.43 -7.69
N PHE A 20 -6.53 -0.45 -7.74
CA PHE A 20 -7.45 -0.95 -6.69
CA PHE A 20 -7.50 -0.95 -6.75
C PHE A 20 -8.88 -0.49 -6.98
C PHE A 20 -8.91 -0.49 -7.10
N ASN A 21 -9.07 0.80 -7.26
N ASN A 21 -9.08 0.78 -7.50
CA ASN A 21 -10.40 1.31 -7.57
CA ASN A 21 -10.43 1.25 -7.75
C ASN A 21 -10.94 0.72 -8.86
C ASN A 21 -11.03 0.62 -9.02
N THR A 22 -10.07 0.42 -9.82
N THR A 22 -10.22 0.42 -10.06
CA THR A 22 -10.50 -0.26 -11.02
CA THR A 22 -10.72 -0.31 -11.22
C THR A 22 -10.89 -1.71 -10.73
C THR A 22 -10.89 -1.80 -10.90
N MET A 23 -10.11 -2.39 -9.89
N MET A 23 -10.17 -2.35 -9.93
CA MET A 23 -10.46 -3.75 -9.49
CA MET A 23 -10.44 -3.72 -9.52
C MET A 23 -11.76 -3.78 -8.72
C MET A 23 -11.76 -3.82 -8.74
N LYS A 24 -12.01 -2.76 -7.90
N LYS A 24 -12.03 -2.86 -7.86
CA LYS A 24 -13.26 -2.69 -7.15
CA LYS A 24 -13.28 -2.84 -7.12
C LYS A 24 -14.46 -2.62 -8.08
C LYS A 24 -14.45 -2.78 -8.10
N ALA A 25 -14.34 -1.87 -9.18
N ALA A 25 -14.35 -1.89 -9.08
CA ALA A 25 -15.43 -1.78 -10.14
CA ALA A 25 -15.38 -1.79 -10.12
C ALA A 25 -15.64 -3.10 -10.86
C ALA A 25 -15.61 -3.13 -10.80
N ALA A 26 -14.55 -3.76 -11.27
CA ALA A 26 -14.66 -5.06 -11.90
C ALA A 26 -15.33 -6.08 -10.96
N PHE A 27 -14.89 -6.15 -9.68
CA PHE A 27 -15.54 -7.01 -8.68
C PHE A 27 -17.03 -6.75 -8.65
N GLN A 28 -17.44 -5.49 -8.40
CA GLN A 28 -18.86 -5.20 -8.32
C GLN A 28 -19.59 -5.68 -9.57
N ASN A 29 -19.02 -5.42 -10.76
N ASN A 29 -19.02 -5.44 -10.77
CA ASN A 29 -19.67 -5.80 -12.02
CA ASN A 29 -19.65 -5.81 -12.04
C ASN A 29 -19.65 -7.31 -12.26
C ASN A 29 -19.59 -7.30 -12.33
N GLY A 30 -18.83 -8.06 -11.55
CA GLY A 30 -18.78 -9.49 -11.71
C GLY A 30 -17.73 -10.02 -12.65
N ASP A 31 -16.79 -9.19 -13.11
CA ASP A 31 -15.81 -9.54 -14.13
C ASP A 31 -14.60 -10.15 -13.41
N LYS A 32 -14.74 -11.44 -13.10
N LYS A 32 -14.75 -11.43 -13.04
CA LYS A 32 -13.72 -12.12 -12.32
CA LYS A 32 -13.75 -12.11 -12.24
C LYS A 32 -12.41 -12.28 -13.10
C LYS A 32 -12.44 -12.23 -13.00
N GLU A 33 -12.48 -12.37 -14.42
N GLU A 33 -12.51 -12.37 -14.32
CA GLU A 33 -11.26 -12.46 -15.21
CA GLU A 33 -11.30 -12.45 -15.13
C GLU A 33 -10.43 -11.19 -15.09
C GLU A 33 -10.45 -11.20 -14.98
N ALA A 34 -11.08 -10.04 -14.95
CA ALA A 34 -10.36 -8.79 -14.74
C ALA A 34 -9.83 -8.68 -13.33
N VAL A 35 -10.71 -8.94 -12.36
CA VAL A 35 -10.26 -8.94 -10.97
C VAL A 35 -8.99 -9.77 -10.84
N ALA A 36 -8.97 -10.96 -11.44
CA ALA A 36 -7.79 -11.83 -11.28
C ALA A 36 -6.50 -11.12 -11.74
N GLN A 37 -6.57 -10.47 -12.91
N GLN A 37 -6.58 -10.47 -12.89
CA GLN A 37 -5.39 -9.78 -13.44
CA GLN A 37 -5.40 -9.78 -13.43
C GLN A 37 -5.04 -8.57 -12.58
C GLN A 37 -5.04 -8.56 -12.59
N TYR A 38 -6.05 -7.81 -12.12
CA TYR A 38 -5.79 -6.69 -11.24
C TYR A 38 -5.14 -7.13 -9.93
N LEU A 39 -5.61 -8.24 -9.35
CA LEU A 39 -4.98 -8.69 -8.10
C LEU A 39 -3.52 -9.01 -8.31
N ALA A 40 -3.18 -9.62 -9.46
N ALA A 40 -3.18 -9.63 -9.45
CA ALA A 40 -1.77 -9.87 -9.75
CA ALA A 40 -1.76 -9.87 -9.72
C ALA A 40 -1.01 -8.57 -9.96
C ALA A 40 -0.99 -8.55 -9.83
N ARG A 41 -1.63 -7.59 -10.62
N ARG A 41 -1.55 -7.57 -10.54
CA ARG A 41 -0.99 -6.30 -10.81
CA ARG A 41 -0.91 -6.26 -10.70
C ARG A 41 -0.76 -5.59 -9.49
C ARG A 41 -0.64 -5.62 -9.31
N LEU A 42 -1.73 -5.70 -8.57
N LEU A 42 -1.67 -5.61 -8.47
CA LEU A 42 -1.59 -5.07 -7.25
CA LEU A 42 -1.60 -5.07 -7.13
C LEU A 42 -0.51 -5.76 -6.43
C LEU A 42 -0.60 -5.82 -6.29
N ALA A 43 -0.39 -7.09 -6.56
N ALA A 43 -0.40 -7.11 -6.55
CA ALA A 43 0.61 -7.81 -5.80
CA ALA A 43 0.59 -7.81 -5.76
C ALA A 43 2.02 -7.37 -6.19
C ALA A 43 1.97 -7.29 -6.10
N SER A 44 2.24 -7.12 -7.48
N SER A 44 2.22 -7.09 -7.39
CA SER A 44 3.54 -6.62 -7.92
CA SER A 44 3.51 -6.59 -7.78
C SER A 44 3.77 -5.18 -7.50
C SER A 44 3.71 -5.17 -7.27
N LEU A 45 2.70 -4.38 -7.42
N LEU A 45 2.67 -4.36 -7.25
CA LEU A 45 2.84 -2.99 -7.01
CA LEU A 45 2.80 -3.01 -6.76
C LEU A 45 3.11 -2.89 -5.51
C LEU A 45 3.17 -3.01 -5.28
N TYR A 46 2.44 -3.70 -4.71
N TYR A 46 2.41 -3.75 -4.47
CA TYR A 46 2.66 -3.68 -3.28
CA TYR A 46 2.80 -3.93 -3.08
C TYR A 46 4.04 -4.23 -2.92
C TYR A 46 4.26 -4.29 -2.96
N THR A 47 4.52 -5.22 -3.67
N THR A 47 4.72 -5.29 -3.73
CA THR A 47 5.86 -5.74 -3.44
CA THR A 47 6.11 -5.74 -3.59
C THR A 47 6.92 -4.69 -3.80
C THR A 47 7.08 -4.61 -3.93
N ARG A 48 6.72 -3.97 -4.90
N ARG A 48 6.80 -3.89 -4.99
CA ARG A 48 7.63 -2.91 -5.27
CA ARG A 48 7.65 -2.79 -5.40
C ARG A 48 7.58 -1.77 -4.26
C ARG A 48 7.62 -1.67 -4.37
N HIS A 49 6.39 -1.42 -3.78
N HIS A 49 6.44 -1.35 -3.85
CA HIS A 49 6.26 -0.32 -2.83
CA HIS A 49 6.35 -0.27 -2.86
C HIS A 49 6.89 -0.68 -1.49
C HIS A 49 7.10 -0.65 -1.60
N GLU A 50 6.74 -1.93 -1.07
N GLU A 50 6.91 -1.88 -1.14
CA GLU A 50 7.35 -2.37 0.19
CA GLU A 50 7.55 -2.32 0.10
C GLU A 50 8.87 -2.33 0.12
C GLU A 50 9.06 -2.23 -0.03
N GLU A 51 9.46 -2.63 -1.04
N GLU A 51 9.62 -2.44 -1.24
CA GLU A 51 10.90 -2.65 -1.16
CA GLU A 51 11.09 -2.34 -1.39
C GLU A 51 11.47 -1.24 -1.18
C GLU A 51 11.54 -0.91 -1.42
N LEU A 52 10.80 -0.32 -1.87
N LEU A 52 10.80 -0.02 -2.05
CA LEU A 52 11.25 1.08 -1.87
CA LEU A 52 11.11 1.40 -1.96
C LEU A 52 11.12 1.69 -0.48
C LEU A 52 10.99 1.90 -0.54
N LEU A 53 10.06 1.34 0.25
CA LEU A 53 9.87 1.86 1.60
C LEU A 53 11.00 1.40 2.51
N ASN A 54 11.43 0.15 2.36
N ASN A 54 11.49 0.17 2.30
CA ASN A 54 12.49 -0.36 3.23
CA ASN A 54 12.59 -0.34 3.09
C ASN A 54 13.82 0.34 2.97
C ASN A 54 13.87 0.41 2.81
N ARG A 55 14.11 0.62 1.70
N ARG A 55 14.11 0.76 1.54
CA ARG A 55 15.33 1.35 1.37
CA ARG A 55 15.30 1.54 1.20
C ARG A 55 15.30 2.76 1.95
C ARG A 55 15.24 2.93 1.83
N ILE A 56 14.15 3.43 1.84
N ILE A 56 14.07 3.56 1.82
CA ILE A 56 14.01 4.77 2.42
CA ILE A 56 13.94 4.87 2.44
C ILE A 56 14.22 4.71 3.93
C ILE A 56 14.17 4.76 3.96
N LEU A 57 13.61 3.72 4.58
CA LEU A 57 13.80 3.56 6.03
C LEU A 57 15.26 3.32 6.36
N GLU A 58 15.91 2.39 5.67
CA GLU A 58 17.33 2.14 5.91
C GLU A 58 18.16 3.38 5.65
N LYS A 59 17.80 4.18 4.66
N LYS A 59 17.78 4.20 4.69
CA LYS A 59 18.57 5.40 4.37
CA LYS A 59 18.55 5.41 4.36
C LYS A 59 18.41 6.42 5.48
C LYS A 59 18.41 6.45 5.46
N ALA A 60 17.17 6.66 5.92
CA ALA A 60 16.92 7.51 7.08
C ALA A 60 17.66 7.05 8.32
N ARG A 61 17.77 5.75 8.55
N ARG A 61 17.74 5.74 8.57
CA ARG A 61 18.50 5.26 9.71
CA ARG A 61 18.50 5.22 9.71
C ARG A 61 19.99 5.58 9.61
C ARG A 61 19.98 5.57 9.60
N ARG A 62 20.59 5.29 8.45
CA ARG A 62 22.01 5.59 8.23
C ARG A 62 22.30 7.09 8.33
N GLU A 63 21.31 7.91 7.99
N GLU A 63 21.32 7.91 8.02
CA GLU A 63 21.47 9.36 8.01
CA GLU A 63 21.42 9.35 8.08
C GLU A 63 21.24 9.97 9.39
C GLU A 63 21.16 9.89 9.48
N GLY A 64 20.83 9.17 10.38
N GLY A 64 20.98 9.04 10.47
CA GLY A 64 20.56 9.70 11.69
CA GLY A 64 20.61 9.45 11.82
C GLY A 64 19.33 10.56 11.80
C GLY A 64 19.36 10.30 11.94
N ASN A 65 18.42 10.46 10.83
N ASN A 65 18.42 10.15 11.03
CA ASN A 65 17.18 11.24 10.85
CA ASN A 65 17.28 11.07 10.95
C ASN A 65 16.20 10.54 11.77
C ASN A 65 16.24 10.50 11.88
N LYS A 66 16.27 10.86 13.06
N LYS A 66 16.32 10.84 13.17
CA LYS A 66 15.47 10.14 14.06
CA LYS A 66 15.46 10.14 14.13
C LYS A 66 13.98 10.31 13.81
C LYS A 66 13.99 10.33 13.78
N GLU A 67 13.55 11.52 13.49
N GLU A 67 13.57 11.56 13.51
CA GLU A 67 12.12 11.75 13.32
CA GLU A 67 12.14 11.73 13.32
C GLU A 67 11.58 11.00 12.10
C GLU A 67 11.68 10.94 12.11
N ALA A 68 12.34 10.97 11.01
N ALA A 68 12.47 10.94 11.03
CA ALA A 68 11.90 10.22 9.83
CA ALA A 68 12.07 10.19 9.85
C ALA A 68 11.89 8.72 10.09
C ALA A 68 11.96 8.70 10.14
N VAL A 69 12.81 8.24 10.94
N VAL A 69 12.90 8.17 10.92
CA VAL A 69 12.83 6.82 11.26
CA VAL A 69 12.90 6.75 11.32
C VAL A 69 11.60 6.44 12.07
C VAL A 69 11.66 6.40 12.12
N THR A 70 11.27 7.23 13.09
CA THR A 70 10.03 7.02 13.86
C THR A 70 8.84 6.94 12.93
N LEU A 71 8.67 7.97 12.08
CA LEU A 71 7.50 8.04 11.21
C LEU A 71 7.47 6.90 10.20
N MET A 72 8.62 6.58 9.60
CA MET A 72 8.70 5.43 8.70
C MET A 72 8.39 4.11 9.43
N ASN A 73 8.93 3.89 10.62
CA ASN A 73 8.57 2.67 11.37
C ASN A 73 7.05 2.54 11.60
N GLU A 74 6.38 3.65 11.93
N GLU A 74 6.39 3.63 11.97
CA GLU A 74 4.94 3.61 12.11
CA GLU A 74 4.94 3.64 12.14
C GLU A 74 4.23 3.38 10.78
C GLU A 74 4.26 3.42 10.80
N PHE A 75 4.78 3.92 9.70
N PHE A 75 4.74 4.05 9.73
CA PHE A 75 4.14 3.77 8.39
CA PHE A 75 4.04 3.93 8.45
C PHE A 75 4.34 2.37 7.82
C PHE A 75 4.17 2.52 7.89
N THR A 76 5.53 1.79 8.01
N THR A 76 5.36 1.92 8.00
CA THR A 76 5.77 0.43 7.52
CA THR A 76 5.53 0.56 7.45
C THR A 76 4.96 -0.59 8.30
C THR A 76 4.75 -0.49 8.26
N ALA A 77 4.62 -0.29 9.56
CA ALA A 77 3.78 -1.22 10.32
C ALA A 77 2.35 -1.19 9.80
N THR A 78 1.83 0.01 9.51
N THR A 78 1.80 -0.01 9.60
CA THR A 78 0.52 0.10 8.89
CA THR A 78 0.45 0.13 9.05
C THR A 78 0.49 -0.54 7.51
C THR A 78 0.37 -0.43 7.63
N PHE A 79 1.63 -0.51 6.80
N PHE A 79 1.37 -0.13 6.80
CA PHE A 79 1.71 -1.15 5.48
CA PHE A 79 1.46 -0.67 5.45
C PHE A 79 1.51 -2.65 5.58
C PHE A 79 1.35 -2.19 5.48
N GLN A 80 2.14 -3.29 6.57
N GLN A 80 2.03 -2.84 6.42
CA GLN A 80 1.96 -4.73 6.76
CA GLN A 80 2.02 -4.30 6.53
C GLN A 80 0.52 -5.06 7.13
C GLN A 80 0.65 -4.83 6.89
N THR A 81 -0.16 -4.15 7.81
N THR A 81 -0.11 -4.04 7.66
CA THR A 81 -1.58 -4.35 8.08
CA THR A 81 -1.46 -4.41 8.02
C THR A 81 -2.39 -4.41 6.79
C THR A 81 -2.31 -4.49 6.77
N GLY A 82 -2.11 -3.50 5.86
N GLY A 82 -2.17 -3.49 5.92
CA GLY A 82 -2.79 -3.53 4.58
CA GLY A 82 -2.92 -3.47 4.65
C GLY A 82 -2.37 -4.72 3.72
C GLY A 82 -2.50 -4.64 3.77
N LYS A 83 -1.10 -5.12 3.81
N LYS A 83 -1.21 -4.95 3.75
CA LYS A 83 -0.64 -6.28 3.05
CA LYS A 83 -0.72 -6.09 2.97
C LYS A 83 -1.28 -7.57 3.55
C LYS A 83 -1.34 -7.39 3.45
N SER A 84 -1.46 -7.68 4.87
N SER A 84 -1.35 -7.59 4.77
CA SER A 84 -2.14 -8.85 5.41
CA SER A 84 -1.95 -8.79 5.34
C SER A 84 -3.60 -8.89 4.99
C SER A 84 -3.41 -8.91 4.99
N ILE A 85 -4.25 -7.73 4.97
N ILE A 85 -4.17 -7.82 5.08
CA ILE A 85 -5.64 -7.66 4.52
CA ILE A 85 -5.56 -7.86 4.62
C ILE A 85 -5.73 -7.93 3.03
C ILE A 85 -5.63 -8.14 3.10
N PHE A 86 -4.75 -7.48 2.25
N PHE A 86 -4.73 -7.57 2.31
CA PHE A 86 -4.75 -7.74 0.82
CA PHE A 86 -4.77 -7.84 0.88
C PHE A 86 -4.59 -9.23 0.54
C PHE A 86 -4.60 -9.33 0.63
N ASN A 87 -3.66 -9.89 1.23
N ASN A 87 -3.70 -9.97 1.36
CA ASN A 87 -3.46 -11.32 1.01
CA ASN A 87 -3.47 -11.40 1.15
C ASN A 87 -4.70 -12.11 1.38
C ASN A 87 -4.73 -12.19 1.51
N ALA A 88 -5.40 -11.69 2.43
N ALA A 88 -5.41 -11.78 2.56
CA ALA A 88 -6.65 -12.34 2.80
CA ALA A 88 -6.65 -12.45 2.94
C ALA A 88 -7.74 -12.08 1.76
C ALA A 88 -7.70 -12.29 1.84
N MET A 89 -7.70 -10.92 1.10
N MET A 89 -7.74 -11.12 1.23
CA MET A 89 -8.64 -10.64 0.02
CA MET A 89 -8.64 -10.83 0.12
C MET A 89 -8.36 -11.51 -1.20
C MET A 89 -8.36 -11.71 -1.08
N VAL A 90 -7.09 -11.81 -1.45
CA VAL A 90 -6.72 -12.69 -2.54
C VAL A 90 -7.18 -14.12 -2.23
N ALA A 91 -7.08 -14.54 -0.97
N ALA A 91 -7.10 -14.54 -0.97
CA ALA A 91 -7.52 -15.89 -0.60
CA ALA A 91 -7.53 -15.88 -0.61
C ALA A 91 -9.03 -16.02 -0.71
C ALA A 91 -9.04 -16.02 -0.72
N ALA A 92 -9.76 -14.99 -0.28
CA ALA A 92 -11.20 -14.98 -0.46
C ALA A 92 -11.53 -15.06 -1.94
N PHE A 93 -10.75 -14.41 -2.79
CA PHE A 93 -11.07 -14.50 -4.22
C PHE A 93 -10.84 -15.91 -4.75
N LYS A 94 -9.73 -16.54 -4.36
N LYS A 94 -9.75 -16.55 -4.36
CA LYS A 94 -9.46 -17.90 -4.79
CA LYS A 94 -9.48 -17.91 -4.82
C LYS A 94 -10.53 -18.86 -4.32
C LYS A 94 -10.54 -18.88 -4.32
N ASN A 95 -11.03 -18.66 -3.08
N ASN A 95 -11.05 -18.64 -3.11
CA ASN A 95 -12.05 -19.54 -2.53
CA ASN A 95 -12.01 -19.55 -2.52
C ASN A 95 -13.46 -19.19 -2.98
C ASN A 95 -13.44 -19.35 -2.99
N GLY A 96 -13.65 -18.10 -3.71
N GLY A 96 -13.73 -18.31 -3.77
CA GLY A 96 -14.98 -17.70 -4.13
CA GLY A 96 -15.10 -17.98 -4.15
C GLY A 96 -15.84 -17.17 -3.00
C GLY A 96 -15.95 -17.33 -3.07
N ASP A 97 -15.23 -16.61 -1.96
N ASP A 97 -15.37 -16.87 -1.98
CA ASP A 97 -15.96 -16.07 -0.82
CA ASP A 97 -16.09 -16.20 -0.92
C ASP A 97 -16.16 -14.58 -1.05
C ASP A 97 -16.24 -14.74 -1.27
N ASP A 98 -17.24 -14.24 -1.74
N ASP A 98 -17.36 -14.35 -1.82
CA ASP A 98 -17.51 -12.83 -2.03
CA ASP A 98 -17.56 -12.94 -2.08
C ASP A 98 -17.81 -12.03 -0.77
C ASP A 98 -17.89 -12.17 -0.82
N ASP A 99 -18.44 -12.66 0.22
N ASP A 99 -18.50 -12.76 0.20
CA ASP A 99 -18.71 -11.96 1.47
CA ASP A 99 -18.80 -11.99 1.41
C ASP A 99 -17.42 -11.50 2.13
C ASP A 99 -17.53 -11.45 2.02
N SER A 100 -16.41 -12.36 2.15
N SER A 100 -16.51 -12.30 2.12
CA SER A 100 -15.13 -11.98 2.73
CA SER A 100 -15.27 -11.85 2.72
C SER A 100 -14.34 -11.05 1.82
C SER A 100 -14.53 -10.90 1.81
N PHE A 101 -14.54 -11.15 0.50
CA PHE A 101 -13.86 -10.24 -0.39
C PHE A 101 -14.36 -8.81 -0.20
N GLU A 102 -15.68 -8.65 -0.06
N GLU A 102 -15.68 -8.62 -0.19
CA GLU A 102 -16.24 -7.34 0.26
CA GLU A 102 -16.25 -7.28 -0.07
C GLU A 102 -15.72 -6.83 1.60
C GLU A 102 -15.81 -6.64 1.23
N SER A 103 -15.61 -7.71 2.59
N SER A 103 -15.80 -7.43 2.29
CA SER A 103 -15.19 -7.27 3.93
CA SER A 103 -15.45 -6.91 3.60
C SER A 103 -13.73 -6.81 3.92
C SER A 103 -14.02 -6.45 3.60
N TYR A 104 -12.85 -7.62 3.32
N TYR A 104 -13.11 -7.33 3.18
CA TYR A 104 -11.44 -7.24 3.25
CA TYR A 104 -11.70 -6.97 3.06
C TYR A 104 -11.23 -6.02 2.38
C TYR A 104 -11.51 -5.77 2.17
N LEU A 105 -12.08 -5.81 1.38
N LEU A 105 -12.23 -5.71 1.04
CA LEU A 105 -11.91 -4.64 0.50
CA LEU A 105 -12.10 -4.54 0.19
C LEU A 105 -12.19 -3.35 1.25
C LEU A 105 -12.34 -3.29 1.00
N GLN A 106 -13.26 -3.30 2.05
N GLN A 106 -13.33 -3.33 1.88
CA GLN A 106 -13.56 -2.10 2.81
CA GLN A 106 -13.66 -2.15 2.67
C GLN A 106 -12.50 -1.85 3.88
C GLN A 106 -12.61 -1.88 3.73
N ALA A 107 -12.00 -2.91 4.51
N ALA A 107 -12.15 -2.92 4.44
CA ALA A 107 -10.97 -2.75 5.53
CA ALA A 107 -11.22 -2.71 5.53
C ALA A 107 -9.69 -2.21 4.92
C ALA A 107 -9.88 -2.24 5.01
N LEU A 108 -9.34 -2.66 3.71
N LEU A 108 -9.50 -2.72 3.82
CA LEU A 108 -8.14 -2.17 3.05
CA LEU A 108 -8.25 -2.33 3.18
C LEU A 108 -8.29 -0.70 2.66
C LEU A 108 -8.29 -0.86 2.77
N GLU A 109 -9.51 -0.28 2.32
N GLU A 109 -9.46 -0.39 2.31
CA GLU A 109 -9.75 1.14 2.05
CA GLU A 109 -9.65 1.03 2.08
C GLU A 109 -9.61 1.97 3.31
C GLU A 109 -9.45 1.86 3.35
N LYS A 110 -10.13 1.49 4.44
CA LYS A 110 -10.05 2.27 5.68
C LYS A 110 -8.64 2.28 6.25
N VAL A 111 -7.89 1.18 6.08
N VAL A 111 -7.92 1.16 6.13
CA VAL A 111 -6.50 1.17 6.49
CA VAL A 111 -6.56 1.07 6.64
C VAL A 111 -5.68 2.14 5.65
C VAL A 111 -5.59 1.87 5.77
N THR A 112 -5.95 2.20 4.35
N THR A 112 -5.84 1.93 4.47
CA THR A 112 -5.21 3.11 3.48
CA THR A 112 -4.97 2.69 3.59
C THR A 112 -5.53 4.57 3.79
C THR A 112 -5.18 4.19 3.76
N ALA A 113 -6.81 4.89 3.99
N ALA A 113 -6.44 4.61 3.86
CA ALA A 113 -7.20 6.27 4.23
CA ALA A 113 -6.71 6.03 4.07
C ALA A 113 -6.68 6.78 5.57
C ALA A 113 -6.08 6.49 5.37
N LYS A 114 -6.58 5.91 6.57
N LYS A 114 -6.32 5.74 6.46
CA LYS A 114 -6.10 6.34 7.88
CA LYS A 114 -5.81 6.13 7.76
C LYS A 114 -4.63 6.75 7.82
C LYS A 114 -4.32 6.43 7.70
N GLY A 115 -3.82 6.03 7.05
N GLY A 115 -3.57 5.61 6.96
CA GLY A 115 -2.39 6.26 7.04
CA GLY A 115 -2.15 5.82 6.80
C GLY A 115 -1.93 7.24 5.97
C GLY A 115 -1.74 6.99 5.90
N GLU A 116 -2.77 8.22 5.62
N GLU A 116 -2.66 7.89 5.57
CA GLU A 116 -2.40 9.22 4.64
CA GLU A 116 -2.36 8.94 4.61
C GLU A 116 -1.87 10.51 5.26
C GLU A 116 -1.84 10.22 5.25
N THR A 117 -2.35 10.88 6.44
N THR A 117 -2.48 10.69 6.32
CA THR A 117 -1.73 12.00 7.15
CA THR A 117 -2.05 11.92 6.97
C THR A 117 -0.29 11.69 7.50
C THR A 117 -0.62 11.81 7.50
N LEU A 118 -0.01 10.45 7.90
N LEU A 118 -0.16 10.59 7.77
CA LEU A 118 1.36 10.05 8.18
CA LEU A 118 1.23 10.32 8.13
C LEU A 118 2.21 10.01 6.92
C LEU A 118 2.16 10.35 6.92
N ALA A 119 1.60 9.67 5.77
N ALA A 119 1.66 9.89 5.76
CA ALA A 119 2.35 9.64 4.52
CA ALA A 119 2.47 9.91 4.55
C ALA A 119 2.82 11.03 4.14
C ALA A 119 2.95 11.31 4.24
N ASP A 120 1.99 12.05 4.39
N ASP A 120 2.15 12.31 4.57
CA ASP A 120 2.42 13.42 4.09
CA ASP A 120 2.55 13.70 4.35
C ASP A 120 3.45 13.92 5.10
C ASP A 120 3.34 14.27 5.50
N GLN A 121 3.37 13.44 6.34
N GLN A 121 3.52 13.53 6.59
CA GLN A 121 4.37 13.84 7.34
CA GLN A 121 4.48 13.93 7.62
C GLN A 121 5.76 13.35 6.95
C GLN A 121 5.89 13.41 7.32
N ILE A 122 5.84 12.17 6.34
N ILE A 122 5.98 12.21 6.75
CA ILE A 122 7.14 11.60 5.99
CA ILE A 122 7.26 11.66 6.33
C ILE A 122 7.80 12.41 4.88
C ILE A 122 7.88 12.58 5.29
N ALA A 123 7.02 12.84 3.89
N ALA A 123 7.11 12.91 4.26
CA ALA A 123 7.59 13.61 2.79
CA ALA A 123 7.62 13.75 3.18
C ALA A 123 8.25 14.89 3.29
C ALA A 123 8.36 14.97 3.73
N LYS A 124 7.72 15.48 4.36
N LYS A 124 7.77 15.63 4.72
CA LYS A 124 8.29 16.70 4.92
CA LYS A 124 8.36 16.85 5.25
C LYS A 124 9.44 16.41 5.87
C LYS A 124 9.50 16.58 6.21
N ALA A 125 9.52 15.19 6.42
N ALA A 125 9.66 15.33 6.64
CA ALA A 125 10.52 14.88 7.43
CA ALA A 125 10.67 14.96 7.62
C ALA A 125 11.83 14.37 6.82
C ALA A 125 11.96 14.47 6.98
N LEU A 126 11.79 13.77 5.64
N LEU A 126 11.88 13.91 5.78
CA LEU A 126 12.98 13.21 5.02
CA LEU A 126 13.05 13.34 5.15
C LEU A 126 13.93 14.33 4.57
C LEU A 126 14.10 14.39 4.82
CL4 174 B . -4.29 -3.40 -2.94
C4 174 B . -2.98 -2.30 -2.60
C5 174 B . -3.26 -1.14 -1.83
C6 174 B . -2.20 -0.25 -1.52
C3 174 B . -1.70 -2.53 -3.12
C2 174 B . -0.67 -1.61 -2.86
C1 174 B . -0.88 -0.47 -2.04
C 174 B . 0.32 0.43 -1.82
O1 174 B . 0.20 1.56 -1.31
O2 174 B . 1.39 -0.02 -2.24
H5 174 B . -4.25 -0.98 -1.43
H6 174 B . -2.41 0.62 -0.92
H3 174 B . -1.52 -3.40 -3.74
H2 174 B . 0.31 -1.83 -3.24
#